data_5XZ7
#
_entry.id   5XZ7
#
_cell.length_a   73.560
_cell.length_b   80.200
_cell.length_c   121.300
_cell.angle_alpha   90.00
_cell.angle_beta   90.00
_cell.angle_gamma   90.00
#
_symmetry.space_group_name_H-M   'I 2 2 2'
#
loop_
_entity.id
_entity.type
_entity.pdbx_description
1 polymer 'ATP-dependent 6-phosphofructokinase'
2 non-polymer GLYCEROL
3 non-polymer 6-O-phosphono-beta-D-fructofuranose
4 non-polymer DI(HYDROXYETHYL)ETHER
5 water water
#
_entity_poly.entity_id   1
_entity_poly.type   'polypeptide(L)'
_entity_poly.pdbx_seq_one_letter_code
;MKKIAVLTSGGDSPGMNAAVRAVVRTAIYNEIEVYGVYHGYQGLLNDDIHKLELGSVGDTIQRGGTFLYSARCPEFKEQE
VRKVAIENLRKRGIEGLVVIGGDGSYRGAQRISEECKEIQTIGIPGTIDNDINGTDFTIGFDTALNTIIGLVDKIRDTAS
SHARTFIIEAMGRDCGDLALWAGLSVGAETIVVPEVKTDIKEIADKIEQGIKRGKKHSIVLVAEGCMTAQDCQKELSQYI
NVDNRVSVLGHVQRGGSPTGADRVLASRLGGYAVDLLMQGETAKGVGIKNNKIVATSFDEIFDGKDHKFDYSLYELANKL
SILEHHHHHH
;
_entity_poly.pdbx_strand_id   A
#
# COMPACT_ATOMS: atom_id res chain seq x y z
N MET A 1 -12.17 -18.66 -21.15
CA MET A 1 -11.31 -17.53 -20.66
C MET A 1 -10.28 -17.18 -21.73
N LYS A 2 -10.69 -16.51 -22.78
CA LYS A 2 -9.82 -16.26 -23.92
C LYS A 2 -9.26 -14.89 -24.00
N LYS A 3 -9.90 -14.00 -23.33
CA LYS A 3 -9.54 -12.58 -23.32
C LYS A 3 -9.72 -11.96 -21.94
N ILE A 4 -8.64 -11.35 -21.41
CA ILE A 4 -8.75 -10.66 -20.13
C ILE A 4 -8.27 -9.21 -20.22
N ALA A 5 -8.69 -8.41 -19.29
CA ALA A 5 -8.25 -7.05 -19.16
C ALA A 5 -7.60 -6.89 -17.77
N VAL A 6 -6.75 -5.86 -17.69
CA VAL A 6 -6.08 -5.52 -16.40
C VAL A 6 -6.04 -4.01 -16.27
N LEU A 7 -6.22 -3.54 -15.05
CA LEU A 7 -6.17 -2.14 -14.71
C LEU A 7 -5.56 -1.92 -13.32
N THR A 8 -5.06 -0.69 -13.11
CA THR A 8 -4.57 -0.28 -11.81
C THR A 8 -5.43 0.89 -11.37
N SER A 9 -5.88 0.80 -10.12
CA SER A 9 -6.73 1.82 -9.50
C SER A 9 -6.35 2.16 -8.13
N GLY A 10 -6.71 3.35 -7.64
CA GLY A 10 -6.28 3.78 -6.36
C GLY A 10 -4.84 4.30 -6.40
N GLY A 11 -4.33 4.64 -5.23
CA GLY A 11 -2.96 5.21 -5.19
C GLY A 11 -1.97 4.18 -5.70
N ASP A 12 -1.06 4.64 -6.53
CA ASP A 12 -0.05 3.75 -7.02
C ASP A 12 0.90 3.28 -5.91
N SER A 13 1.55 2.15 -6.17
CA SER A 13 2.52 1.60 -5.25
C SER A 13 3.62 0.89 -6.01
N PRO A 14 4.83 0.85 -5.42
CA PRO A 14 5.91 0.13 -6.12
C PRO A 14 5.63 -1.34 -6.18
N GLY A 15 5.76 -1.93 -7.40
CA GLY A 15 5.40 -3.30 -7.62
C GLY A 15 4.16 -3.50 -8.46
N MET A 16 3.35 -2.44 -8.62
CA MET A 16 2.19 -2.53 -9.51
C MET A 16 2.67 -2.91 -10.94
N ASN A 17 3.81 -2.35 -11.40
CA ASN A 17 4.21 -2.82 -12.76
C ASN A 17 4.58 -4.27 -12.80
N ALA A 18 5.26 -4.79 -11.78
CA ALA A 18 5.58 -6.22 -11.74
C ALA A 18 4.33 -7.05 -11.76
N ALA A 19 3.29 -6.57 -11.08
CA ALA A 19 1.98 -7.30 -11.10
C ALA A 19 1.33 -7.28 -12.50
N VAL A 20 1.29 -6.15 -13.14
CA VAL A 20 0.77 -6.07 -14.50
C VAL A 20 1.57 -7.03 -15.40
N ARG A 21 2.93 -6.97 -15.28
CA ARG A 21 3.81 -7.81 -16.10
C ARG A 21 3.49 -9.27 -15.93
N ALA A 22 3.26 -9.71 -14.69
CA ALA A 22 2.98 -11.12 -14.41
C ALA A 22 1.60 -11.51 -14.97
N VAL A 23 0.60 -10.63 -14.88
CA VAL A 23 -0.73 -10.91 -15.46
C VAL A 23 -0.55 -11.07 -16.98
N VAL A 24 0.14 -10.12 -17.60
CA VAL A 24 0.37 -10.15 -19.05
C VAL A 24 1.11 -11.42 -19.48
N ARG A 25 2.26 -11.66 -18.91
CA ARG A 25 3.07 -12.81 -19.32
C ARG A 25 2.38 -14.14 -19.00
N THR A 26 1.69 -14.30 -17.87
CA THR A 26 0.96 -15.50 -17.53
C THR A 26 -0.21 -15.69 -18.49
N ALA A 27 -0.90 -14.65 -18.83
CA ALA A 27 -2.05 -14.76 -19.78
C ALA A 27 -1.54 -15.21 -21.11
N ILE A 28 -0.52 -14.57 -21.58
CA ILE A 28 0.03 -14.92 -22.94
C ILE A 28 0.63 -16.31 -22.94
N TYR A 29 1.27 -16.75 -21.86
CA TYR A 29 1.73 -18.11 -21.75
C TYR A 29 0.63 -19.12 -21.95
N ASN A 30 -0.55 -18.81 -21.43
CA ASN A 30 -1.75 -19.67 -21.51
C ASN A 30 -2.57 -19.36 -22.72
N GLU A 31 -2.04 -18.69 -23.73
CA GLU A 31 -2.74 -18.36 -24.97
C GLU A 31 -4.02 -17.58 -24.71
N ILE A 32 -3.99 -16.60 -23.79
CA ILE A 32 -5.08 -15.72 -23.50
C ILE A 32 -4.66 -14.37 -24.01
N GLU A 33 -5.50 -13.64 -24.68
CA GLU A 33 -5.23 -12.29 -25.08
C GLU A 33 -5.49 -11.32 -23.90
N VAL A 34 -4.57 -10.38 -23.71
CA VAL A 34 -4.65 -9.39 -22.65
C VAL A 34 -4.74 -8.01 -23.10
N TYR A 35 -5.63 -7.23 -22.49
CA TYR A 35 -5.90 -5.87 -22.79
C TYR A 35 -5.49 -5.01 -21.60
N GLY A 36 -4.77 -3.94 -21.83
CA GLY A 36 -4.55 -2.95 -20.79
C GLY A 36 -5.62 -1.91 -20.77
N VAL A 37 -6.07 -1.60 -19.57
CA VAL A 37 -7.02 -0.53 -19.35
C VAL A 37 -6.26 0.60 -18.70
N TYR A 38 -6.30 1.80 -19.28
CA TYR A 38 -5.47 2.89 -18.80
C TYR A 38 -6.25 3.89 -17.99
N HIS A 39 -5.63 4.46 -16.96
CA HIS A 39 -6.23 5.41 -16.08
C HIS A 39 -7.36 4.78 -15.20
N GLY A 40 -7.12 3.58 -14.78
CA GLY A 40 -8.03 2.91 -13.84
C GLY A 40 -9.44 2.76 -14.43
N TYR A 41 -10.40 2.93 -13.56
CA TYR A 41 -11.81 2.81 -13.98
C TYR A 41 -12.14 3.89 -14.96
N GLN A 42 -11.46 5.02 -14.97
CA GLN A 42 -11.73 6.03 -16.07
C GLN A 42 -11.51 5.47 -17.41
N GLY A 43 -10.52 4.61 -17.58
CA GLY A 43 -10.28 3.95 -18.80
C GLY A 43 -11.44 3.11 -19.28
N LEU A 44 -12.09 2.38 -18.38
CA LEU A 44 -13.30 1.63 -18.79
C LEU A 44 -14.35 2.53 -19.35
N LEU A 45 -14.49 3.70 -18.74
CA LEU A 45 -15.54 4.64 -19.21
C LEU A 45 -15.22 5.35 -20.52
N ASN A 46 -13.94 5.67 -20.74
CA ASN A 46 -13.46 6.36 -21.93
C ASN A 46 -13.02 5.44 -23.00
N ASP A 47 -13.11 4.14 -22.75
CA ASP A 47 -12.73 3.12 -23.68
C ASP A 47 -11.27 3.19 -24.03
N ASP A 48 -10.46 3.51 -23.03
CA ASP A 48 -8.94 3.57 -23.19
C ASP A 48 -8.42 2.19 -22.85
N ILE A 49 -8.66 1.26 -23.74
CA ILE A 49 -8.47 -0.16 -23.61
C ILE A 49 -7.71 -0.67 -24.84
N HIS A 50 -6.52 -1.22 -24.63
CA HIS A 50 -5.58 -1.59 -25.77
C HIS A 50 -4.94 -2.89 -25.57
N LYS A 51 -4.88 -3.75 -26.60
CA LYS A 51 -4.26 -5.04 -26.47
C LYS A 51 -2.81 -4.91 -26.16
N LEU A 52 -2.32 -5.68 -25.20
CA LEU A 52 -0.93 -5.77 -24.84
C LEU A 52 -0.24 -6.97 -25.45
N GLU A 53 1.01 -6.82 -25.83
CA GLU A 53 1.77 -7.98 -26.30
C GLU A 53 2.93 -8.23 -25.32
N LEU A 54 3.62 -9.35 -25.47
CA LEU A 54 4.79 -9.69 -24.56
C LEU A 54 5.74 -8.57 -24.33
N GLY A 55 6.06 -7.81 -25.40
CA GLY A 55 6.97 -6.69 -25.31
C GLY A 55 6.45 -5.46 -24.61
N SER A 56 5.12 -5.39 -24.36
CA SER A 56 4.53 -4.23 -23.79
C SER A 56 4.94 -4.10 -22.33
N VAL A 57 5.40 -5.21 -21.78
CA VAL A 57 5.77 -5.21 -20.34
C VAL A 57 7.26 -5.45 -20.14
N GLY A 58 8.02 -5.33 -21.21
CA GLY A 58 9.52 -5.36 -21.06
C GLY A 58 9.93 -4.09 -20.35
N ASP A 59 11.04 -4.22 -19.64
CA ASP A 59 11.62 -3.04 -19.00
C ASP A 59 10.71 -2.42 -17.97
N THR A 60 9.89 -3.28 -17.31
CA THR A 60 8.93 -2.74 -16.31
C THR A 60 9.05 -3.30 -14.92
N ILE A 61 9.63 -4.47 -14.72
CA ILE A 61 9.60 -5.12 -13.40
C ILE A 61 10.25 -4.29 -12.34
N GLN A 62 11.30 -3.58 -12.75
CA GLN A 62 12.08 -2.75 -11.82
C GLN A 62 11.50 -1.35 -11.56
N ARG A 63 10.47 -0.96 -12.30
CA ARG A 63 10.03 0.43 -12.34
C ARG A 63 8.93 0.63 -11.29
N GLY A 64 8.98 1.73 -10.62
CA GLY A 64 7.91 2.15 -9.73
C GLY A 64 6.72 2.66 -10.52
N GLY A 65 5.72 2.97 -9.75
CA GLY A 65 4.49 3.55 -10.38
C GLY A 65 3.67 2.52 -11.12
N THR A 66 2.70 2.99 -11.91
CA THR A 66 1.97 2.15 -12.80
C THR A 66 1.97 2.73 -14.24
N PHE A 67 2.44 1.91 -15.18
N PHE A 67 2.43 1.92 -15.18
CA PHE A 67 2.49 2.29 -16.62
CA PHE A 67 2.47 2.39 -16.57
C PHE A 67 1.10 2.33 -17.24
C PHE A 67 1.10 2.35 -17.23
N LEU A 68 0.12 1.76 -16.55
CA LEU A 68 -1.28 1.88 -17.00
C LEU A 68 -1.98 3.13 -16.50
N TYR A 69 -1.36 3.77 -15.55
CA TYR A 69 -1.90 4.91 -14.90
C TYR A 69 -3.12 4.60 -14.02
N SER A 70 -3.47 5.56 -13.19
CA SER A 70 -4.61 5.47 -12.31
C SER A 70 -5.26 6.85 -12.26
N ALA A 71 -6.59 6.88 -12.22
CA ALA A 71 -7.33 8.11 -12.13
C ALA A 71 -8.62 7.81 -11.35
N ARG A 72 -9.08 8.72 -10.50
CA ARG A 72 -10.29 8.45 -9.68
C ARG A 72 -11.54 8.45 -10.49
N CYS A 73 -12.47 7.62 -10.06
CA CYS A 73 -13.72 7.48 -10.82
C CYS A 73 -14.89 7.29 -9.82
N PRO A 74 -15.16 8.32 -8.99
CA PRO A 74 -16.27 8.21 -7.99
C PRO A 74 -17.63 7.92 -8.62
N GLU A 75 -17.79 8.31 -9.85
CA GLU A 75 -19.05 8.01 -10.63
C GLU A 75 -19.29 6.55 -10.91
N PHE A 76 -18.27 5.67 -10.71
CA PHE A 76 -18.49 4.25 -10.79
C PHE A 76 -19.50 3.77 -9.76
N LYS A 77 -19.84 4.56 -8.77
CA LYS A 77 -20.91 4.20 -7.86
C LYS A 77 -22.28 4.18 -8.51
N GLU A 78 -22.43 4.82 -9.66
CA GLU A 78 -23.73 4.78 -10.42
C GLU A 78 -23.81 3.58 -11.30
N GLN A 79 -24.87 2.79 -11.11
CA GLN A 79 -25.08 1.65 -11.95
C GLN A 79 -25.13 1.94 -13.45
N GLU A 80 -25.60 3.13 -13.87
CA GLU A 80 -25.65 3.50 -15.29
C GLU A 80 -24.29 3.75 -15.85
N VAL A 81 -23.39 4.21 -15.00
CA VAL A 81 -21.99 4.44 -15.43
C VAL A 81 -21.32 3.04 -15.62
N ARG A 82 -21.58 2.16 -14.70
CA ARG A 82 -21.01 0.83 -14.78
C ARG A 82 -21.42 0.10 -16.01
N LYS A 83 -22.68 0.30 -16.48
CA LYS A 83 -23.07 -0.35 -17.69
C LYS A 83 -22.25 0.03 -18.91
N VAL A 84 -21.79 1.27 -18.97
CA VAL A 84 -20.96 1.70 -20.08
C VAL A 84 -19.60 0.97 -20.02
N ALA A 85 -19.06 0.89 -18.81
CA ALA A 85 -17.80 0.12 -18.63
C ALA A 85 -17.88 -1.30 -19.05
N ILE A 86 -18.94 -1.98 -18.59
CA ILE A 86 -19.17 -3.35 -18.96
C ILE A 86 -19.28 -3.53 -20.45
N GLU A 87 -20.02 -2.64 -21.12
CA GLU A 87 -20.10 -2.73 -22.59
C GLU A 87 -18.83 -2.50 -23.28
N ASN A 88 -17.96 -1.63 -22.74
CA ASN A 88 -16.63 -1.44 -23.39
C ASN A 88 -15.73 -2.70 -23.29
N LEU A 89 -15.90 -3.46 -22.23
CA LEU A 89 -15.27 -4.76 -22.10
C LEU A 89 -15.89 -5.83 -22.97
N ARG A 90 -17.23 -5.88 -22.94
CA ARG A 90 -17.95 -6.92 -23.68
C ARG A 90 -17.89 -6.75 -25.22
N LYS A 91 -17.84 -5.54 -25.72
CA LYS A 91 -17.63 -5.20 -27.18
C LYS A 91 -16.44 -5.96 -27.70
N ARG A 92 -15.39 -6.14 -26.83
CA ARG A 92 -14.17 -6.85 -27.22
C ARG A 92 -14.09 -8.28 -26.90
N GLY A 93 -15.13 -8.83 -26.32
CA GLY A 93 -15.11 -10.19 -25.96
C GLY A 93 -14.31 -10.54 -24.69
N ILE A 94 -14.12 -9.53 -23.86
CA ILE A 94 -13.38 -9.76 -22.61
C ILE A 94 -14.18 -10.55 -21.60
N GLU A 95 -13.58 -11.58 -21.03
CA GLU A 95 -14.24 -12.51 -20.13
C GLU A 95 -13.73 -12.48 -18.69
N GLY A 96 -12.63 -11.74 -18.47
CA GLY A 96 -12.02 -11.68 -17.14
C GLY A 96 -11.34 -10.32 -17.00
N LEU A 97 -11.45 -9.75 -15.79
CA LEU A 97 -10.81 -8.52 -15.44
C LEU A 97 -10.05 -8.67 -14.12
N VAL A 98 -8.76 -8.26 -14.15
CA VAL A 98 -7.91 -8.22 -13.00
C VAL A 98 -7.77 -6.76 -12.58
N VAL A 99 -8.05 -6.47 -11.33
N VAL A 99 -8.08 -6.44 -11.34
CA VAL A 99 -7.93 -5.10 -10.81
CA VAL A 99 -7.90 -5.06 -10.86
C VAL A 99 -6.82 -5.12 -9.80
C VAL A 99 -6.82 -5.11 -9.81
N ILE A 100 -5.87 -4.18 -9.92
CA ILE A 100 -4.75 -4.03 -8.97
C ILE A 100 -4.94 -2.72 -8.28
N GLY A 101 -5.08 -2.77 -6.97
CA GLY A 101 -5.32 -1.58 -6.17
C GLY A 101 -5.81 -1.87 -4.81
N GLY A 102 -6.61 -0.93 -4.26
CA GLY A 102 -7.19 -1.12 -2.90
C GLY A 102 -8.63 -1.48 -2.80
N ASP A 103 -9.21 -1.22 -1.60
CA ASP A 103 -10.70 -1.47 -1.42
C ASP A 103 -11.62 -0.92 -2.39
N GLY A 104 -11.43 0.35 -2.81
CA GLY A 104 -12.24 0.86 -3.86
C GLY A 104 -12.23 0.10 -5.07
N SER A 105 -10.97 -0.27 -5.51
CA SER A 105 -10.82 -0.99 -6.65
C SER A 105 -11.58 -2.25 -6.57
N TYR A 106 -11.57 -2.87 -5.40
CA TYR A 106 -12.23 -4.17 -5.22
C TYR A 106 -13.78 -4.01 -5.29
N ARG A 107 -14.27 -2.91 -4.82
CA ARG A 107 -15.73 -2.64 -4.89
C ARG A 107 -16.18 -2.56 -6.31
N GLY A 108 -15.45 -1.87 -7.18
CA GLY A 108 -15.79 -1.87 -8.61
C GLY A 108 -15.78 -3.24 -9.21
N ALA A 109 -14.82 -4.10 -8.85
CA ALA A 109 -14.66 -5.37 -9.45
C ALA A 109 -15.82 -6.29 -8.94
N GLN A 110 -16.22 -6.07 -7.72
CA GLN A 110 -17.34 -6.81 -7.12
C GLN A 110 -18.61 -6.45 -7.96
N ARG A 111 -18.81 -5.19 -8.25
CA ARG A 111 -20.03 -4.73 -9.07
C ARG A 111 -19.98 -5.34 -10.40
N ILE A 112 -18.80 -5.35 -11.09
CA ILE A 112 -18.71 -5.88 -12.38
C ILE A 112 -19.07 -7.37 -12.43
N SER A 113 -18.56 -8.16 -11.49
CA SER A 113 -18.84 -9.60 -11.48
C SER A 113 -20.41 -9.80 -11.22
N GLU A 114 -20.95 -8.93 -10.42
CA GLU A 114 -22.47 -9.03 -10.09
C GLU A 114 -23.27 -8.64 -11.28
N GLU A 115 -22.86 -7.71 -12.10
CA GLU A 115 -23.70 -7.07 -13.14
C GLU A 115 -23.42 -7.56 -14.53
N CYS A 116 -22.42 -8.46 -14.71
CA CYS A 116 -22.12 -9.01 -16.01
C CYS A 116 -21.84 -10.42 -15.84
N LYS A 117 -22.78 -11.29 -16.27
CA LYS A 117 -22.58 -12.68 -16.09
C LYS A 117 -21.29 -13.19 -16.77
N GLU A 118 -20.95 -12.60 -17.91
CA GLU A 118 -19.93 -13.10 -18.77
C GLU A 118 -18.50 -12.62 -18.27
N ILE A 119 -18.41 -11.82 -17.24
CA ILE A 119 -17.07 -11.33 -16.78
C ILE A 119 -16.81 -11.83 -15.39
N GLN A 120 -15.64 -12.50 -15.24
CA GLN A 120 -15.12 -12.85 -13.89
C GLN A 120 -14.14 -11.73 -13.47
N THR A 121 -14.09 -11.44 -12.19
CA THR A 121 -13.11 -10.38 -11.71
C THR A 121 -12.32 -10.92 -10.56
N ILE A 122 -11.03 -10.47 -10.50
CA ILE A 122 -10.12 -10.84 -9.42
C ILE A 122 -9.35 -9.58 -9.03
N GLY A 123 -9.19 -9.35 -7.76
CA GLY A 123 -8.42 -8.22 -7.22
C GLY A 123 -7.11 -8.60 -6.63
N ILE A 124 -6.13 -7.75 -6.91
CA ILE A 124 -4.75 -7.91 -6.38
C ILE A 124 -4.46 -6.71 -5.52
N PRO A 125 -3.96 -6.95 -4.31
CA PRO A 125 -3.80 -5.85 -3.32
C PRO A 125 -2.55 -5.01 -3.54
N GLY A 126 -2.74 -3.80 -4.00
CA GLY A 126 -1.64 -2.87 -4.31
C GLY A 126 -1.86 -1.62 -3.51
N THR A 127 -1.01 -1.38 -2.55
CA THR A 127 -0.98 -0.15 -1.72
C THR A 127 0.24 -0.16 -0.84
N ILE A 128 0.82 0.99 -0.59
CA ILE A 128 1.86 1.07 0.38
C ILE A 128 1.37 0.91 1.82
N ASP A 129 0.07 1.09 2.03
CA ASP A 129 -0.43 1.27 3.39
C ASP A 129 -0.66 -0.05 4.18
N ASN A 130 -0.64 -1.18 3.51
CA ASN A 130 -0.84 -2.52 4.09
C ASN A 130 -2.24 -2.71 4.67
N ASP A 131 -3.21 -1.99 4.14
CA ASP A 131 -4.57 -1.86 4.76
C ASP A 131 -5.63 -2.56 3.98
N ILE A 132 -5.34 -3.67 3.31
CA ILE A 132 -6.31 -4.42 2.54
C ILE A 132 -6.42 -5.76 3.15
N ASN A 133 -7.65 -6.25 3.43
CA ASN A 133 -7.83 -7.61 3.90
C ASN A 133 -7.65 -8.70 2.85
N GLY A 134 -7.54 -9.97 3.27
CA GLY A 134 -7.20 -11.02 2.33
C GLY A 134 -5.70 -11.21 2.08
N THR A 135 -4.90 -10.40 2.81
CA THR A 135 -3.48 -10.54 2.71
C THR A 135 -2.78 -10.00 3.94
N ASP A 136 -1.66 -10.61 4.33
CA ASP A 136 -0.92 -10.12 5.43
C ASP A 136 -0.12 -8.87 5.02
N PHE A 137 0.30 -8.86 3.76
CA PHE A 137 1.12 -7.75 3.17
C PHE A 137 0.59 -7.38 1.83
N THR A 138 0.52 -6.11 1.56
CA THR A 138 0.11 -5.59 0.26
C THR A 138 1.32 -5.30 -0.65
N ILE A 139 1.10 -5.25 -1.96
CA ILE A 139 2.23 -4.90 -2.86
C ILE A 139 2.52 -3.43 -2.72
N GLY A 140 3.72 -3.14 -2.29
CA GLY A 140 4.23 -1.84 -2.05
C GLY A 140 4.63 -1.54 -0.63
N PHE A 141 4.11 -2.32 0.34
CA PHE A 141 4.43 -2.08 1.71
C PHE A 141 5.91 -2.21 1.99
N ASP A 142 6.49 -3.29 1.49
CA ASP A 142 7.93 -3.53 1.80
C ASP A 142 8.77 -2.42 1.24
N THR A 143 8.43 -1.95 0.04
CA THR A 143 9.17 -0.88 -0.58
C THR A 143 9.07 0.42 0.21
N ALA A 144 7.81 0.78 0.57
CA ALA A 144 7.61 2.00 1.34
C ALA A 144 8.29 1.92 2.69
N LEU A 145 8.26 0.74 3.35
CA LEU A 145 8.97 0.54 4.58
C LEU A 145 10.44 0.88 4.43
N ASN A 146 11.05 0.32 3.39
CA ASN A 146 12.48 0.61 3.18
C ASN A 146 12.75 2.07 2.78
N THR A 147 11.78 2.69 2.10
CA THR A 147 11.92 4.12 1.79
C THR A 147 11.95 4.89 3.10
N ILE A 148 11.00 4.67 3.99
CA ILE A 148 11.00 5.40 5.24
C ILE A 148 12.28 5.17 6.04
N ILE A 149 12.72 3.92 6.10
CA ILE A 149 13.97 3.59 6.82
C ILE A 149 15.12 4.38 6.25
N GLY A 150 15.24 4.49 4.96
CA GLY A 150 16.38 5.21 4.39
C GLY A 150 16.32 6.68 4.76
N LEU A 151 15.12 7.25 4.69
CA LEU A 151 14.94 8.66 4.97
C LEU A 151 15.25 8.95 6.44
N VAL A 152 14.73 8.12 7.34
CA VAL A 152 14.88 8.38 8.78
C VAL A 152 16.34 8.09 9.21
N ASP A 153 17.01 7.12 8.58
CA ASP A 153 18.42 6.84 8.89
C ASP A 153 19.18 8.15 8.56
N LYS A 154 18.83 8.89 7.49
CA LYS A 154 19.48 10.13 7.19
C LYS A 154 19.19 11.21 8.23
N ILE A 155 17.92 11.33 8.57
CA ILE A 155 17.51 12.27 9.62
C ILE A 155 18.26 12.00 10.91
N ARG A 156 18.46 10.73 11.23
N ARG A 156 18.46 10.73 11.24
CA ARG A 156 19.15 10.42 12.44
CA ARG A 156 19.19 10.44 12.44
C ARG A 156 20.59 10.98 12.48
C ARG A 156 20.59 11.01 12.47
N ASP A 157 21.26 11.06 11.33
CA ASP A 157 22.60 11.64 11.26
C ASP A 157 22.61 13.09 11.76
N THR A 158 21.63 13.83 11.27
CA THR A 158 21.55 15.26 11.62
C THR A 158 21.03 15.45 13.02
N ALA A 159 20.08 14.63 13.43
CA ALA A 159 19.61 14.61 14.83
C ALA A 159 20.74 14.41 15.78
N SER A 160 21.59 13.41 15.50
N SER A 160 21.58 13.41 15.50
CA SER A 160 22.73 13.07 16.37
CA SER A 160 22.70 13.11 16.37
C SER A 160 23.74 14.21 16.42
C SER A 160 23.72 14.25 16.44
N SER A 161 24.03 14.86 15.30
CA SER A 161 25.04 15.89 15.28
C SER A 161 24.66 17.04 16.23
N HIS A 162 23.36 17.35 16.25
CA HIS A 162 22.85 18.57 16.92
C HIS A 162 22.04 18.27 18.21
N ALA A 163 21.95 17.04 18.62
CA ALA A 163 21.06 16.65 19.71
C ALA A 163 19.67 17.23 19.52
N ARG A 164 19.12 16.98 18.37
CA ARG A 164 17.84 17.57 17.91
C ARG A 164 16.82 16.45 17.82
N THR A 165 15.67 16.62 18.47
CA THR A 165 14.56 15.68 18.38
C THR A 165 13.76 15.92 17.13
N PHE A 166 13.42 14.85 16.43
CA PHE A 166 12.58 14.97 15.24
C PHE A 166 11.27 14.27 15.39
N ILE A 167 10.23 14.92 14.97
CA ILE A 167 8.90 14.36 14.94
C ILE A 167 8.59 14.17 13.48
N ILE A 168 8.48 12.88 13.09
CA ILE A 168 8.45 12.50 11.66
C ILE A 168 7.13 11.86 11.32
N GLU A 169 6.44 12.38 10.34
CA GLU A 169 5.19 11.85 9.89
C GLU A 169 5.31 10.86 8.74
N ALA A 170 4.79 9.65 8.94
CA ALA A 170 4.75 8.61 7.94
C ALA A 170 3.36 8.49 7.34
N MET A 171 3.28 7.93 6.13
CA MET A 171 2.05 7.63 5.49
C MET A 171 1.42 6.36 6.10
N GLY A 172 0.29 5.93 5.55
CA GLY A 172 -0.42 4.76 5.99
C GLY A 172 -1.93 4.91 6.04
N ARG A 173 -2.41 6.10 5.72
CA ARG A 173 -3.88 6.36 5.73
C ARG A 173 -4.35 6.08 7.19
N ASP A 174 -5.23 5.10 7.41
CA ASP A 174 -5.66 4.84 8.78
C ASP A 174 -4.97 3.63 9.40
N CYS A 175 -3.83 3.21 8.78
CA CYS A 175 -3.14 2.02 9.24
C CYS A 175 -1.77 2.41 9.80
N GLY A 176 -1.43 1.91 10.96
CA GLY A 176 -0.14 2.16 11.60
C GLY A 176 1.02 1.24 11.27
N ASP A 177 0.78 0.32 10.32
CA ASP A 177 1.81 -0.68 10.02
C ASP A 177 3.14 -0.04 9.55
N LEU A 178 3.08 0.91 8.61
CA LEU A 178 4.30 1.54 8.14
C LEU A 178 5.08 2.15 9.29
N ALA A 179 4.36 2.95 10.13
CA ALA A 179 5.01 3.59 11.27
C ALA A 179 5.59 2.55 12.27
N LEU A 180 4.85 1.49 12.52
CA LEU A 180 5.37 0.45 13.43
C LEU A 180 6.61 -0.24 12.90
N TRP A 181 6.52 -0.77 11.68
CA TRP A 181 7.65 -1.48 11.12
C TRP A 181 8.86 -0.58 10.94
N ALA A 182 8.62 0.61 10.38
CA ALA A 182 9.74 1.55 10.25
C ALA A 182 10.29 2.04 11.54
N GLY A 183 9.41 2.26 12.52
CA GLY A 183 9.85 2.79 13.80
C GLY A 183 10.70 1.80 14.54
N LEU A 184 10.31 0.55 14.51
CA LEU A 184 11.15 -0.51 15.12
C LEU A 184 12.48 -0.52 14.36
N SER A 185 12.43 -0.45 13.07
CA SER A 185 13.63 -0.59 12.23
C SER A 185 14.69 0.51 12.43
N VAL A 186 14.20 1.70 12.74
CA VAL A 186 15.13 2.86 12.97
C VAL A 186 15.39 3.11 14.43
N GLY A 187 14.91 2.26 15.32
CA GLY A 187 15.05 2.51 16.75
C GLY A 187 14.36 3.71 17.28
N ALA A 188 13.23 4.06 16.64
CA ALA A 188 12.46 5.21 17.11
C ALA A 188 12.15 4.99 18.54
N GLU A 189 12.36 6.02 19.34
CA GLU A 189 12.10 5.95 20.76
C GLU A 189 10.68 6.04 21.13
N THR A 190 9.81 6.60 20.27
CA THR A 190 8.41 6.72 20.39
C THR A 190 7.76 6.47 19.05
N ILE A 191 6.72 5.63 19.02
CA ILE A 191 5.92 5.44 17.83
C ILE A 191 4.43 5.71 18.15
N VAL A 192 3.82 6.57 17.36
CA VAL A 192 2.43 6.99 17.55
C VAL A 192 1.60 6.42 16.46
N VAL A 193 0.63 5.55 16.78
CA VAL A 193 -0.17 4.87 15.80
C VAL A 193 -1.66 4.94 16.15
N PRO A 194 -2.55 4.87 15.18
CA PRO A 194 -4.01 5.06 15.47
C PRO A 194 -4.59 3.83 16.20
N GLU A 195 -3.92 2.71 16.18
CA GLU A 195 -4.48 1.48 16.79
C GLU A 195 -4.30 1.43 18.27
N VAL A 196 -3.61 2.35 18.88
CA VAL A 196 -3.26 2.36 20.31
C VAL A 196 -3.69 3.67 20.88
N LYS A 197 -4.26 3.68 22.12
CA LYS A 197 -4.64 4.94 22.70
C LYS A 197 -3.44 5.91 22.77
N THR A 198 -3.73 7.16 22.33
CA THR A 198 -2.75 8.24 22.32
C THR A 198 -2.64 8.93 23.64
N ASP A 199 -1.48 8.94 24.23
CA ASP A 199 -1.24 9.69 25.51
C ASP A 199 0.00 10.53 25.38
N ILE A 200 -0.24 11.73 24.88
CA ILE A 200 0.86 12.72 24.72
C ILE A 200 1.57 13.06 25.97
N LYS A 201 0.83 13.15 27.10
CA LYS A 201 1.51 13.38 28.39
C LYS A 201 2.47 12.36 28.74
N GLU A 202 2.14 11.18 28.58
CA GLU A 202 2.97 10.00 28.80
C GLU A 202 4.22 10.03 28.00
N ILE A 203 4.07 10.40 26.72
CA ILE A 203 5.20 10.50 25.79
C ILE A 203 6.11 11.62 26.22
N ALA A 204 5.52 12.77 26.58
CA ALA A 204 6.35 13.82 27.12
C ALA A 204 7.14 13.37 28.36
N ASP A 205 6.46 12.68 29.26
CA ASP A 205 7.10 12.20 30.54
C ASP A 205 8.29 11.32 30.23
N LYS A 206 8.14 10.43 29.23
CA LYS A 206 9.20 9.51 28.84
C LYS A 206 10.36 10.27 28.27
N ILE A 207 10.06 11.27 27.45
CA ILE A 207 11.12 12.06 26.86
C ILE A 207 11.89 12.87 27.91
N GLU A 208 11.16 13.53 28.79
CA GLU A 208 11.75 14.31 29.90
C GLU A 208 12.65 13.42 30.76
N GLN A 209 12.19 12.22 31.07
CA GLN A 209 12.95 11.28 31.88
C GLN A 209 14.22 10.84 31.19
N GLY A 210 14.11 10.61 29.88
CA GLY A 210 15.29 10.35 29.08
C GLY A 210 16.34 11.43 29.25
N ILE A 211 15.90 12.67 29.13
CA ILE A 211 16.84 13.83 29.25
C ILE A 211 17.54 13.83 30.63
N LYS A 212 16.76 13.66 31.70
CA LYS A 212 17.28 13.43 33.05
C LYS A 212 18.38 12.38 33.08
N ARG A 213 18.22 11.30 32.28
CA ARG A 213 19.18 10.17 32.15
C ARG A 213 20.28 10.34 31.08
N GLY A 214 20.39 11.53 30.46
CA GLY A 214 21.43 11.87 29.49
C GLY A 214 21.12 11.43 28.04
N LYS A 215 19.89 11.02 27.79
CA LYS A 215 19.40 10.82 26.40
C LYS A 215 18.87 12.19 25.96
N LYS A 216 19.63 12.85 25.10
CA LYS A 216 19.48 14.25 24.83
C LYS A 216 18.41 14.47 23.72
N HIS A 217 18.30 13.51 22.80
CA HIS A 217 17.31 13.70 21.71
C HIS A 217 16.70 12.36 21.33
N SER A 218 15.64 12.41 20.57
CA SER A 218 15.04 11.18 20.10
C SER A 218 14.31 11.41 18.77
N ILE A 219 13.79 10.30 18.21
CA ILE A 219 12.92 10.33 17.06
C ILE A 219 11.54 9.90 17.48
N VAL A 220 10.51 10.65 17.12
CA VAL A 220 9.15 10.28 17.27
C VAL A 220 8.53 9.98 15.91
N LEU A 221 8.11 8.85 15.76
CA LEU A 221 7.65 8.57 14.39
C LEU A 221 6.12 8.48 14.44
N VAL A 222 5.40 9.20 13.75
CA VAL A 222 3.96 9.40 13.85
C VAL A 222 3.23 8.96 12.61
N ALA A 223 2.37 7.99 12.74
CA ALA A 223 1.49 7.60 11.66
C ALA A 223 0.48 8.67 11.36
N GLU A 224 0.31 9.12 10.16
CA GLU A 224 -0.65 10.18 9.84
C GLU A 224 -2.07 9.86 10.24
N GLY A 225 -2.41 8.60 10.34
CA GLY A 225 -3.75 8.17 10.73
C GLY A 225 -4.04 8.53 12.17
N CYS A 226 -3.03 8.73 12.98
CA CYS A 226 -3.22 9.25 14.37
C CYS A 226 -3.36 10.71 14.41
N MET A 227 -2.31 11.43 14.01
CA MET A 227 -2.27 12.89 13.99
C MET A 227 -1.16 13.32 13.05
N THR A 228 -1.12 14.61 12.72
CA THR A 228 -0.04 15.18 11.97
C THR A 228 1.20 15.33 12.91
N ALA A 229 2.39 15.37 12.33
CA ALA A 229 3.56 15.63 13.07
C ALA A 229 3.47 17.03 13.75
N GLN A 230 2.94 17.97 12.97
CA GLN A 230 2.87 19.36 13.47
C GLN A 230 1.92 19.39 14.68
N ASP A 231 0.86 18.64 14.66
CA ASP A 231 -0.07 18.51 15.83
C ASP A 231 0.60 17.84 17.01
N CYS A 232 1.38 16.80 16.71
CA CYS A 232 2.11 16.16 17.77
C CYS A 232 3.06 17.09 18.44
N GLN A 233 3.81 17.88 17.66
CA GLN A 233 4.74 18.83 18.12
C GLN A 233 4.01 19.83 19.04
N LYS A 234 2.87 20.29 18.56
CA LYS A 234 2.12 21.36 19.33
C LYS A 234 1.64 20.77 20.65
N GLU A 235 1.07 19.55 20.60
CA GLU A 235 0.61 18.92 21.82
C GLU A 235 1.71 18.64 22.81
N LEU A 236 2.87 18.13 22.37
CA LEU A 236 3.99 17.91 23.25
C LEU A 236 4.43 19.19 23.93
N SER A 237 4.42 20.30 23.19
CA SER A 237 4.92 21.58 23.69
C SER A 237 4.11 22.08 24.88
N GLN A 238 2.92 21.57 25.05
CA GLN A 238 2.08 21.86 26.29
C GLN A 238 2.87 21.39 27.54
N TYR A 239 3.61 20.28 27.42
CA TYR A 239 4.25 19.57 28.53
C TYR A 239 5.71 19.74 28.65
N ILE A 240 6.43 19.94 27.52
CA ILE A 240 7.91 19.99 27.60
C ILE A 240 8.40 20.93 26.53
N ASN A 241 9.55 21.53 26.79
CA ASN A 241 10.20 22.35 25.84
C ASN A 241 11.46 21.64 25.38
N VAL A 242 11.43 21.07 24.16
CA VAL A 242 12.70 20.51 23.63
C VAL A 242 12.94 21.12 22.24
N ASP A 243 14.21 21.01 21.88
CA ASP A 243 14.73 21.51 20.64
C ASP A 243 14.33 20.46 19.59
N ASN A 244 13.36 20.82 18.74
CA ASN A 244 12.82 19.83 17.84
C ASN A 244 12.53 20.38 16.46
N ARG A 245 12.38 19.48 15.49
CA ARG A 245 11.96 19.76 14.19
C ARG A 245 10.90 18.78 13.74
N VAL A 246 10.04 19.18 12.80
CA VAL A 246 9.04 18.33 12.20
C VAL A 246 9.49 17.94 10.78
N SER A 247 9.25 16.72 10.37
CA SER A 247 9.52 16.23 8.96
C SER A 247 8.30 15.53 8.51
N VAL A 248 7.75 15.87 7.37
CA VAL A 248 6.67 15.15 6.76
C VAL A 248 7.28 14.44 5.54
N LEU A 249 7.34 13.11 5.59
CA LEU A 249 8.07 12.40 4.50
C LEU A 249 7.35 12.47 3.17
N GLY A 250 6.04 12.41 3.17
CA GLY A 250 5.22 12.63 2.01
C GLY A 250 5.28 11.65 0.93
N HIS A 251 5.05 12.11 -0.32
CA HIS A 251 4.86 11.22 -1.40
C HIS A 251 6.06 10.46 -1.90
N VAL A 252 7.21 10.79 -1.39
N VAL A 252 7.23 10.78 -1.39
CA VAL A 252 8.39 9.97 -1.65
CA VAL A 252 8.43 9.98 -1.59
C VAL A 252 8.14 8.52 -1.27
C VAL A 252 8.15 8.51 -1.26
N GLN A 253 7.31 8.32 -0.25
CA GLN A 253 6.99 6.94 0.23
C GLN A 253 6.23 6.13 -0.81
N ARG A 254 5.59 6.78 -1.81
CA ARG A 254 4.86 6.09 -2.83
C ARG A 254 5.69 5.60 -4.00
N GLY A 255 6.89 6.12 -4.14
CA GLY A 255 7.69 5.88 -5.33
C GLY A 255 8.89 4.98 -5.14
N GLY A 256 9.60 4.80 -6.24
CA GLY A 256 10.84 4.08 -6.20
C GLY A 256 10.68 2.70 -6.82
N SER A 257 11.86 2.15 -7.10
CA SER A 257 11.93 0.77 -7.60
C SER A 257 11.50 -0.22 -6.50
N PRO A 258 10.66 -1.16 -6.85
CA PRO A 258 10.23 -2.10 -5.80
C PRO A 258 11.34 -2.98 -5.34
N THR A 259 11.29 -3.29 -4.02
CA THR A 259 12.20 -4.25 -3.42
C THR A 259 11.93 -5.64 -3.94
N GLY A 260 12.81 -6.60 -3.61
CA GLY A 260 12.62 -7.96 -3.98
C GLY A 260 11.37 -8.50 -3.43
N ALA A 261 11.07 -8.22 -2.17
CA ALA A 261 9.81 -8.81 -1.61
C ALA A 261 8.65 -8.35 -2.48
N ASP A 262 8.60 -7.07 -2.89
CA ASP A 262 7.45 -6.56 -3.64
C ASP A 262 7.43 -7.14 -5.06
N ARG A 263 8.60 -7.24 -5.70
CA ARG A 263 8.60 -7.79 -7.06
C ARG A 263 8.13 -9.25 -7.06
N VAL A 264 8.54 -10.03 -6.08
CA VAL A 264 8.21 -11.46 -5.98
C VAL A 264 6.71 -11.56 -5.61
N LEU A 265 6.29 -10.78 -4.61
CA LEU A 265 4.85 -10.89 -4.20
C LEU A 265 3.97 -10.48 -5.36
N ALA A 266 4.31 -9.39 -6.02
CA ALA A 266 3.48 -8.89 -7.15
C ALA A 266 3.39 -9.96 -8.25
N SER A 267 4.52 -10.62 -8.56
CA SER A 267 4.59 -11.60 -9.56
C SER A 267 3.75 -12.82 -9.22
N ARG A 268 3.87 -13.26 -8.00
CA ARG A 268 3.08 -14.41 -7.51
C ARG A 268 1.59 -14.11 -7.61
N LEU A 269 1.21 -12.94 -7.14
CA LEU A 269 -0.25 -12.57 -7.14
C LEU A 269 -0.75 -12.39 -8.54
N GLY A 270 0.02 -11.77 -9.43
CA GLY A 270 -0.45 -11.57 -10.81
C GLY A 270 -0.64 -12.90 -11.52
N GLY A 271 0.32 -13.82 -11.39
CA GLY A 271 0.18 -15.14 -12.03
C GLY A 271 -1.05 -15.88 -11.40
N TYR A 272 -1.23 -15.78 -10.09
CA TYR A 272 -2.33 -16.52 -9.42
C TYR A 272 -3.65 -15.94 -9.87
N ALA A 273 -3.77 -14.63 -10.06
CA ALA A 273 -5.02 -14.04 -10.53
C ALA A 273 -5.43 -14.64 -11.85
N VAL A 274 -4.48 -14.81 -12.76
CA VAL A 274 -4.76 -15.40 -14.06
C VAL A 274 -5.18 -16.87 -13.92
N ASP A 275 -4.52 -17.61 -13.06
CA ASP A 275 -4.86 -18.99 -12.74
C ASP A 275 -6.28 -19.08 -12.23
N LEU A 276 -6.67 -18.16 -11.32
CA LEU A 276 -8.05 -18.16 -10.76
C LEU A 276 -9.06 -17.92 -11.87
N LEU A 277 -8.80 -17.00 -12.76
CA LEU A 277 -9.71 -16.70 -13.90
C LEU A 277 -9.87 -17.99 -14.77
N MET A 278 -8.79 -18.66 -15.05
CA MET A 278 -8.82 -19.92 -15.84
C MET A 278 -9.62 -20.96 -15.11
N GLN A 279 -9.56 -21.02 -13.81
CA GLN A 279 -10.27 -22.00 -12.99
C GLN A 279 -11.73 -21.66 -12.80
N GLY A 280 -12.20 -20.57 -13.35
CA GLY A 280 -13.61 -20.16 -13.26
C GLY A 280 -14.03 -19.40 -12.05
N GLU A 281 -13.07 -18.84 -11.29
CA GLU A 281 -13.35 -18.13 -10.07
C GLU A 281 -13.63 -16.64 -10.36
N THR A 282 -14.36 -16.00 -9.46
CA THR A 282 -14.70 -14.61 -9.50
C THR A 282 -14.90 -13.99 -8.16
N ALA A 283 -14.81 -12.68 -8.08
CA ALA A 283 -15.13 -11.94 -6.90
C ALA A 283 -14.30 -12.30 -5.71
N LYS A 284 -12.96 -12.40 -5.97
CA LYS A 284 -12.03 -12.74 -4.94
C LYS A 284 -10.82 -11.82 -5.04
N GLY A 285 -10.34 -11.46 -3.86
CA GLY A 285 -9.03 -10.77 -3.74
C GLY A 285 -7.99 -11.75 -3.32
N VAL A 286 -6.82 -11.67 -3.91
CA VAL A 286 -5.71 -12.61 -3.65
C VAL A 286 -4.78 -11.97 -2.58
N GLY A 287 -3.95 -12.83 -2.06
CA GLY A 287 -3.00 -12.38 -1.05
C GLY A 287 -2.08 -13.47 -0.63
N ILE A 288 -1.21 -13.09 0.31
CA ILE A 288 -0.36 -14.04 1.02
C ILE A 288 -0.74 -14.01 2.48
N LYS A 289 -1.17 -15.17 3.02
CA LYS A 289 -1.62 -15.29 4.42
C LYS A 289 -0.89 -16.45 4.99
N ASN A 290 -0.21 -16.20 6.10
CA ASN A 290 0.66 -17.23 6.72
C ASN A 290 1.58 -17.90 5.78
N ASN A 291 2.17 -17.05 4.89
CA ASN A 291 3.13 -17.51 3.87
C ASN A 291 2.62 -18.45 2.89
N LYS A 292 1.30 -18.38 2.60
CA LYS A 292 0.69 -19.15 1.56
C LYS A 292 -0.12 -18.19 0.65
N ILE A 293 -0.08 -18.44 -0.64
CA ILE A 293 -0.89 -17.63 -1.60
C ILE A 293 -2.31 -18.11 -1.57
N VAL A 294 -3.26 -17.18 -1.28
CA VAL A 294 -4.66 -17.49 -1.08
C VAL A 294 -5.56 -16.56 -1.81
N ALA A 295 -6.86 -16.91 -1.89
CA ALA A 295 -7.88 -16.07 -2.45
C ALA A 295 -9.08 -16.02 -1.47
N THR A 296 -9.64 -14.86 -1.31
CA THR A 296 -10.70 -14.60 -0.35
C THR A 296 -11.81 -13.91 -1.08
N SER A 297 -13.09 -14.30 -0.83
CA SER A 297 -14.15 -13.50 -1.41
C SER A 297 -14.16 -12.07 -1.04
N PHE A 298 -14.57 -11.18 -1.96
CA PHE A 298 -14.69 -9.78 -1.68
C PHE A 298 -15.63 -9.54 -0.43
N ASP A 299 -16.68 -10.34 -0.37
CA ASP A 299 -17.60 -10.29 0.83
C ASP A 299 -16.84 -10.40 2.11
N GLU A 300 -15.98 -11.43 2.19
CA GLU A 300 -15.26 -11.70 3.43
C GLU A 300 -14.19 -10.62 3.65
N ILE A 301 -13.55 -10.15 2.55
CA ILE A 301 -12.65 -9.08 2.66
C ILE A 301 -13.29 -7.82 3.25
N PHE A 302 -14.46 -7.46 2.72
CA PHE A 302 -15.11 -6.20 3.12
C PHE A 302 -15.64 -6.28 4.56
N ASP A 303 -16.18 -7.45 4.91
CA ASP A 303 -16.87 -7.67 6.20
C ASP A 303 -15.89 -7.69 7.35
N LYS A 308 -5.73 -6.64 11.87
CA LYS A 308 -4.40 -6.96 11.41
C LYS A 308 -3.24 -6.40 12.26
N PHE A 309 -3.51 -5.47 13.17
CA PHE A 309 -2.38 -4.73 13.77
C PHE A 309 -1.68 -5.68 14.73
N ASP A 310 -0.39 -5.64 14.75
CA ASP A 310 0.44 -6.62 15.53
C ASP A 310 0.84 -5.94 16.79
N TYR A 311 -0.11 -6.01 17.78
CA TYR A 311 0.19 -5.45 19.09
C TYR A 311 1.42 -6.03 19.78
N SER A 312 1.74 -7.30 19.49
CA SER A 312 2.94 -7.92 20.02
C SER A 312 4.24 -7.30 19.47
N LEU A 313 4.16 -6.92 18.19
CA LEU A 313 5.28 -6.23 17.59
C LEU A 313 5.46 -4.80 18.15
N TYR A 314 4.32 -4.11 18.38
CA TYR A 314 4.36 -2.86 19.05
C TYR A 314 4.94 -2.91 20.43
N GLU A 315 4.49 -3.94 21.18
CA GLU A 315 5.09 -4.17 22.52
C GLU A 315 6.64 -4.32 22.48
N LEU A 316 7.14 -5.10 21.50
CA LEU A 316 8.51 -5.30 21.33
C LEU A 316 9.25 -4.01 21.02
N ALA A 317 8.67 -3.19 20.11
CA ALA A 317 9.32 -2.00 19.74
C ALA A 317 9.50 -1.07 20.97
N ASN A 318 8.46 -1.04 21.79
CA ASN A 318 8.59 -0.28 23.04
C ASN A 318 9.60 -0.76 24.02
N LYS A 319 9.76 -2.08 24.14
CA LYS A 319 10.81 -2.69 24.98
C LYS A 319 12.20 -2.40 24.52
N LEU A 320 12.35 -2.27 23.20
CA LEU A 320 13.61 -1.96 22.67
C LEU A 320 13.99 -0.50 22.77
N SER A 321 13.03 0.34 23.10
CA SER A 321 13.31 1.81 23.20
C SER A 321 13.98 2.19 24.47
N ILE A 322 15.08 2.94 24.37
CA ILE A 322 15.84 3.25 25.56
C ILE A 322 14.95 4.14 26.51
N LEU A 323 14.03 4.90 25.92
CA LEU A 323 13.08 5.73 26.69
C LEU A 323 12.12 4.91 27.51
N GLU A 324 11.78 3.72 27.03
CA GLU A 324 10.92 2.83 27.80
C GLU A 324 11.68 2.35 29.07
N HIS A 325 12.99 2.13 28.93
CA HIS A 325 13.89 1.76 29.99
C HIS A 325 14.21 2.93 30.94
N HIS A 326 14.57 4.11 30.38
CA HIS A 326 14.87 5.32 31.21
C HIS A 326 13.56 5.73 31.88
#